data_2VEC
#
_entry.id   2VEC
#
_cell.length_a   57.648
_cell.length_b   57.648
_cell.length_c   162.092
_cell.angle_alpha   90.00
_cell.angle_beta   90.00
_cell.angle_gamma   90.00
#
_symmetry.space_group_name_H-M   'P 43 21 2'
#
loop_
_entity.id
_entity.type
_entity.pdbx_description
1 polymer 'PIRIN-LIKE PROTEIN YHAK'
2 non-polymer 'CHLORIDE ION'
3 water water
#
_entity_poly.entity_id   1
_entity_poly.type   'polypeptide(L)'
_entity_poly.pdbx_seq_one_letter_code
;MHHHHHHGTSLYKKAGSENLYFQGITTRTARQCGQADYGWLQARYTFSFGHYFDPKLLGYASLRVLNQEVLAPGAAFQPR
TYPKVDILNVILDGEAEYRDSEGNHVQASAGEALLLSTQPGVSYSEHNLSKDKPLTRMQLWLDA(CSO)PQRENPLIQKL
ALNMGKQQLIASPEGAMGSLQLRQQVWLHHIVLDKGESANFQLHGPRAYLQSIHGKFHALTHHEEKAALTCGDGAFIRDE
ANITLVADSPLRALLIDLPV
;
_entity_poly.pdbx_strand_id   A
#
# COMPACT_ATOMS: atom_id res chain seq x y z
N ALA A 30 -2.07 6.86 -20.40
CA ALA A 30 -1.36 8.02 -21.03
C ALA A 30 -0.41 8.68 -20.01
N ARG A 31 0.06 7.85 -19.08
CA ARG A 31 1.18 8.18 -18.17
C ARG A 31 2.47 7.89 -18.94
N GLN A 32 3.42 8.82 -18.96
CA GLN A 32 4.54 8.64 -19.88
C GLN A 32 5.76 7.79 -19.50
N CYS A 33 6.24 7.87 -18.25
CA CYS A 33 7.39 7.03 -17.78
C CYS A 33 8.64 7.30 -18.67
N GLY A 34 9.83 6.82 -18.31
CA GLY A 34 10.09 6.06 -17.11
C GLY A 34 10.96 6.77 -16.10
N GLN A 35 11.94 7.52 -16.65
CA GLN A 35 13.00 8.20 -15.87
C GLN A 35 12.45 9.24 -14.92
N ALA A 36 11.65 10.17 -15.43
CA ALA A 36 10.97 11.17 -14.60
C ALA A 36 9.63 10.68 -14.07
N ASP A 37 8.91 9.91 -14.89
CA ASP A 37 7.53 9.49 -14.58
C ASP A 37 6.71 10.72 -14.13
N TYR A 38 6.75 11.78 -14.96
CA TYR A 38 6.37 13.12 -14.49
C TYR A 38 5.01 13.26 -13.81
N GLY A 39 3.97 12.71 -14.43
CA GLY A 39 2.63 12.87 -13.89
C GLY A 39 2.16 11.76 -12.96
N TRP A 40 3.08 11.13 -12.24
CA TRP A 40 2.69 10.02 -11.32
C TRP A 40 1.66 10.45 -10.28
N LEU A 41 1.75 11.71 -9.83
CA LEU A 41 0.84 12.20 -8.78
C LEU A 41 -0.56 12.46 -9.33
N GLN A 42 -0.69 12.51 -10.66
CA GLN A 42 -2.00 12.66 -11.28
C GLN A 42 -2.61 11.33 -11.69
N ALA A 43 -1.89 10.22 -11.50
CA ALA A 43 -2.40 8.95 -12.00
C ALA A 43 -3.56 8.48 -11.11
N ARG A 44 -4.57 7.86 -11.74
CA ARG A 44 -5.72 7.31 -11.00
C ARG A 44 -5.99 5.91 -11.56
N TYR A 45 -6.03 4.88 -10.68
CA TYR A 45 -6.27 3.51 -11.12
C TYR A 45 -6.72 2.67 -9.95
N THR A 46 -7.46 1.59 -10.22
CA THR A 46 -7.88 0.63 -9.19
C THR A 46 -7.68 -0.84 -9.62
N PHE A 47 -6.87 -1.61 -8.86
CA PHE A 47 -6.72 -3.04 -9.06
C PHE A 47 -7.69 -3.68 -8.07
N SER A 48 -8.48 -4.65 -8.51
CA SER A 48 -9.34 -5.45 -7.63
C SER A 48 -8.95 -6.90 -7.78
N PHE A 49 -8.53 -7.54 -6.69
CA PHE A 49 -8.07 -8.93 -6.72
C PHE A 49 -8.90 -9.86 -5.86
N GLY A 50 -8.89 -11.12 -6.26
CA GLY A 50 -9.59 -12.19 -5.58
C GLY A 50 -8.97 -12.64 -4.26
N HIS A 51 -9.68 -13.53 -3.58
CA HIS A 51 -9.28 -14.10 -2.29
C HIS A 51 -8.70 -15.48 -2.49
N TYR A 52 -7.45 -15.66 -2.07
CA TYR A 52 -6.79 -16.98 -2.25
C TYR A 52 -7.10 -18.00 -1.14
N PHE A 53 -7.08 -19.28 -1.48
CA PHE A 53 -7.29 -20.37 -0.54
C PHE A 53 -6.16 -21.36 -0.78
N ASP A 54 -5.82 -22.12 0.27
CA ASP A 54 -4.79 -23.18 0.18
C ASP A 54 -5.18 -24.14 1.32
N PRO A 55 -5.34 -25.43 1.03
CA PRO A 55 -5.75 -26.33 2.09
C PRO A 55 -4.73 -26.40 3.24
N LYS A 56 -3.50 -25.94 3.01
CA LYS A 56 -2.47 -26.04 4.05
C LYS A 56 -2.30 -24.73 4.80
N LEU A 57 -3.05 -23.71 4.39
CA LEU A 57 -2.93 -22.39 4.97
C LEU A 57 -4.34 -21.82 5.06
N LEU A 58 -4.94 -22.04 6.21
CA LEU A 58 -6.37 -21.84 6.39
C LEU A 58 -6.74 -20.49 7.01
N GLY A 59 -7.63 -19.79 6.32
CA GLY A 59 -8.28 -18.60 6.85
C GLY A 59 -7.50 -17.31 6.72
N TYR A 60 -6.42 -17.34 5.97
CA TYR A 60 -5.59 -16.16 5.82
C TYR A 60 -6.13 -15.15 4.81
N ALA A 61 -5.66 -13.90 4.96
CA ALA A 61 -6.09 -12.75 4.14
C ALA A 61 -5.39 -12.62 2.81
N SER A 62 -6.11 -11.97 1.88
CA SER A 62 -5.56 -11.55 0.58
C SER A 62 -5.60 -10.03 0.43
N LEU A 63 -4.72 -9.52 -0.42
CA LEU A 63 -4.79 -8.15 -0.96
C LEU A 63 -6.00 -8.05 -1.89
N ARG A 64 -7.01 -7.26 -1.51
CA ARG A 64 -8.28 -7.21 -2.29
C ARG A 64 -8.40 -6.02 -3.25
N VAL A 65 -7.78 -4.91 -2.90
CA VAL A 65 -7.83 -3.74 -3.77
C VAL A 65 -6.50 -3.05 -3.60
N LEU A 66 -5.94 -2.51 -4.70
CA LEU A 66 -4.88 -1.51 -4.58
C LEU A 66 -5.27 -0.38 -5.52
N ASN A 67 -5.39 0.81 -4.97
CA ASN A 67 -5.80 1.91 -5.81
C ASN A 67 -5.01 3.16 -5.60
N GLN A 68 -5.04 4.04 -6.58
CA GLN A 68 -4.49 5.36 -6.40
C GLN A 68 -5.55 6.33 -6.89
N GLU A 69 -5.88 7.30 -6.06
CA GLU A 69 -6.95 8.24 -6.38
C GLU A 69 -6.46 9.65 -6.17
N VAL A 70 -7.07 10.58 -6.92
CA VAL A 70 -6.77 11.99 -6.80
C VAL A 70 -8.09 12.70 -6.49
N LEU A 71 -8.15 13.44 -5.38
CA LEU A 71 -9.28 14.32 -5.04
C LEU A 71 -8.94 15.78 -5.31
N ALA A 72 -9.83 16.49 -6.02
CA ALA A 72 -9.66 17.91 -6.35
C ALA A 72 -9.75 18.82 -5.11
N PRO A 73 -9.13 20.03 -5.16
CA PRO A 73 -9.32 21.05 -4.11
C PRO A 73 -10.79 21.12 -3.61
N GLY A 74 -10.98 21.14 -2.28
CA GLY A 74 -12.35 21.11 -1.72
C GLY A 74 -13.11 19.75 -1.73
N ALA A 75 -12.65 18.77 -2.54
CA ALA A 75 -13.42 17.55 -2.80
C ALA A 75 -13.45 16.54 -1.64
N ALA A 76 -14.37 15.57 -1.73
CA ALA A 76 -14.61 14.63 -0.63
C ALA A 76 -15.55 13.50 -1.02
N PHE A 77 -15.02 12.27 -1.02
CA PHE A 77 -15.84 11.07 -1.26
C PHE A 77 -16.99 10.94 -0.27
N GLN A 78 -18.09 10.37 -0.72
CA GLN A 78 -19.25 10.20 0.16
C GLN A 78 -19.05 9.01 1.09
N PRO A 79 -19.61 9.08 2.32
CA PRO A 79 -19.39 8.02 3.31
C PRO A 79 -19.79 6.65 2.76
N ARG A 80 -19.07 5.63 3.19
CA ARG A 80 -19.31 4.27 2.70
C ARG A 80 -18.93 3.24 3.76
N THR A 81 -19.60 2.09 3.69
CA THR A 81 -19.23 0.95 4.51
C THR A 81 -18.20 0.15 3.72
N TYR A 82 -17.48 -0.74 4.40
CA TYR A 82 -16.49 -1.57 3.75
C TYR A 82 -16.82 -3.05 4.00
N PRO A 83 -16.50 -3.93 3.04
CA PRO A 83 -16.82 -5.36 3.14
C PRO A 83 -15.76 -6.24 3.85
N LYS A 84 -15.67 -6.20 5.17
CA LYS A 84 -14.72 -7.08 5.94
C LYS A 84 -13.27 -6.95 5.45
N VAL A 85 -12.82 -5.70 5.37
CA VAL A 85 -11.47 -5.39 4.95
C VAL A 85 -10.96 -4.24 5.81
N ASP A 86 -9.66 -4.20 6.02
CA ASP A 86 -9.00 -3.04 6.62
C ASP A 86 -8.37 -2.24 5.53
N ILE A 87 -8.25 -0.94 5.78
CA ILE A 87 -7.86 0.01 4.73
C ILE A 87 -6.54 0.64 5.13
N LEU A 88 -5.57 0.58 4.24
CA LEU A 88 -4.31 1.27 4.52
C LEU A 88 -4.07 2.30 3.45
N ASN A 89 -3.94 3.57 3.86
CA ASN A 89 -3.74 4.68 2.96
C ASN A 89 -2.32 5.20 3.09
N VAL A 90 -1.71 5.48 1.94
CA VAL A 90 -0.41 6.08 1.91
C VAL A 90 -0.66 7.39 1.19
N ILE A 91 -0.54 8.47 1.94
CA ILE A 91 -0.71 9.81 1.36
C ILE A 91 0.53 10.18 0.57
N LEU A 92 0.34 10.41 -0.72
CA LEU A 92 1.40 10.79 -1.64
C LEU A 92 1.53 12.29 -1.85
N ASP A 93 0.40 13.01 -1.81
CA ASP A 93 0.46 14.47 -2.01
C ASP A 93 -0.74 15.02 -1.35
N GLY A 94 -0.56 16.16 -0.67
CA GLY A 94 -1.65 16.85 -0.01
C GLY A 94 -1.97 16.36 1.40
N GLU A 95 -3.22 16.53 1.80
CA GLU A 95 -3.65 16.26 3.16
C GLU A 95 -5.12 15.93 3.14
N ALA A 96 -5.53 15.06 4.04
CA ALA A 96 -6.89 14.57 4.05
C ALA A 96 -7.35 14.32 5.47
N GLU A 97 -8.65 14.40 5.69
CA GLU A 97 -9.24 13.98 6.97
C GLU A 97 -10.14 12.76 6.77
N TYR A 98 -10.08 11.83 7.72
CA TYR A 98 -10.82 10.55 7.65
C TYR A 98 -11.76 10.49 8.83
N ARG A 99 -13.06 10.37 8.58
CA ARG A 99 -14.03 10.34 9.67
C ARG A 99 -14.89 9.11 9.58
N ASP A 100 -15.37 8.63 10.72
CA ASP A 100 -16.30 7.52 10.69
C ASP A 100 -17.60 7.85 11.41
N SER A 101 -18.61 7.02 11.26
CA SER A 101 -19.92 7.30 11.86
C SER A 101 -19.95 7.19 13.39
N GLU A 102 -18.87 6.71 14.00
CA GLU A 102 -18.77 6.58 15.46
C GLU A 102 -18.06 7.77 16.12
N GLY A 103 -17.68 8.76 15.31
CA GLY A 103 -17.05 9.97 15.84
C GLY A 103 -15.53 10.00 15.73
N ASN A 104 -14.91 8.86 15.38
CA ASN A 104 -13.46 8.78 15.24
C ASN A 104 -12.96 9.59 14.06
N HIS A 105 -11.81 10.26 14.25
CA HIS A 105 -11.26 11.11 13.20
C HIS A 105 -9.74 11.13 13.26
N VAL A 106 -9.13 11.35 12.09
CA VAL A 106 -7.69 11.44 11.98
C VAL A 106 -7.41 12.21 10.71
N GLN A 107 -6.34 13.01 10.72
CA GLN A 107 -5.85 13.70 9.54
C GLN A 107 -4.54 13.08 9.11
N ALA A 108 -4.30 13.00 7.80
CA ALA A 108 -3.03 12.47 7.29
C ALA A 108 -2.49 13.34 6.15
N SER A 109 -1.23 13.77 6.24
CA SER A 109 -0.56 14.51 5.15
C SER A 109 0.41 13.64 4.35
N ALA A 110 0.93 14.21 3.26
CA ALA A 110 1.91 13.52 2.42
C ALA A 110 3.03 13.00 3.30
N GLY A 111 3.46 11.77 3.05
CA GLY A 111 4.56 11.20 3.82
C GLY A 111 4.11 10.32 4.99
N GLU A 112 2.79 10.22 5.20
CA GLU A 112 2.24 9.38 6.24
C GLU A 112 1.46 8.23 5.65
N ALA A 113 1.45 7.13 6.40
CA ALA A 113 0.60 5.98 6.11
C ALA A 113 -0.41 5.83 7.27
N LEU A 114 -1.63 5.47 6.91
CA LEU A 114 -2.73 5.40 7.87
C LEU A 114 -3.37 4.02 7.74
N LEU A 115 -3.61 3.35 8.86
CA LEU A 115 -4.37 2.12 8.84
C LEU A 115 -5.72 2.30 9.57
N LEU A 116 -6.81 2.01 8.88
CA LEU A 116 -8.14 1.98 9.53
C LEU A 116 -8.56 0.53 9.64
N SER A 117 -8.75 0.07 10.87
CA SER A 117 -9.17 -1.33 11.14
C SER A 117 -10.66 -1.19 11.27
N THR A 118 -11.38 -1.49 10.19
CA THR A 118 -12.76 -1.05 10.07
C THR A 118 -13.69 -1.98 10.83
N GLN A 119 -14.89 -1.49 11.11
CA GLN A 119 -15.85 -2.20 11.93
C GLN A 119 -17.15 -2.34 11.16
N PRO A 120 -17.79 -3.52 11.26
CA PRO A 120 -19.08 -3.84 10.64
C PRO A 120 -20.14 -2.74 10.75
N GLY A 121 -20.65 -2.30 9.60
CA GLY A 121 -21.77 -1.33 9.58
C GLY A 121 -21.38 0.10 9.89
N VAL A 122 -20.08 0.38 10.01
CA VAL A 122 -19.65 1.73 10.30
C VAL A 122 -19.34 2.40 8.95
N SER A 123 -19.72 3.66 8.79
CA SER A 123 -19.47 4.40 7.55
C SER A 123 -18.23 5.27 7.69
N TYR A 124 -17.47 5.40 6.60
CA TYR A 124 -16.19 6.07 6.60
C TYR A 124 -16.11 7.09 5.50
N SER A 125 -15.57 8.26 5.82
CA SER A 125 -15.46 9.33 4.84
C SER A 125 -14.04 9.87 4.74
N GLU A 126 -13.71 10.41 3.57
CA GLU A 126 -12.38 10.89 3.28
C GLU A 126 -12.51 12.23 2.61
N HIS A 127 -11.96 13.29 3.23
CA HIS A 127 -12.09 14.66 2.69
C HIS A 127 -10.74 15.27 2.44
N ASN A 128 -10.59 15.95 1.30
CA ASN A 128 -9.40 16.73 1.06
C ASN A 128 -9.43 18.01 1.92
N LEU A 129 -8.41 18.20 2.76
CA LEU A 129 -8.37 19.35 3.68
C LEU A 129 -8.07 20.69 3.01
N SER A 130 -7.54 20.68 1.77
CA SER A 130 -7.21 21.93 1.08
C SER A 130 -8.33 22.45 0.16
N LYS A 131 -8.60 23.75 0.21
CA LYS A 131 -9.61 24.37 -0.69
C LYS A 131 -8.94 24.85 -1.95
N ASP A 132 -7.61 24.97 -1.89
CA ASP A 132 -6.74 25.41 -2.98
C ASP A 132 -6.06 24.26 -3.83
N LYS A 133 -5.58 23.19 -3.17
CA LYS A 133 -4.64 22.22 -3.76
C LYS A 133 -5.24 20.83 -3.67
N PRO A 134 -4.97 19.93 -4.66
CA PRO A 134 -5.52 18.58 -4.66
C PRO A 134 -4.82 17.63 -3.73
N LEU A 135 -5.37 16.40 -3.68
CA LEU A 135 -4.84 15.26 -2.86
C LEU A 135 -4.65 13.95 -3.65
N THR A 136 -3.51 13.25 -3.43
CA THR A 136 -3.23 11.97 -4.08
C THR A 136 -2.89 10.92 -3.04
N ARG A 137 -3.50 9.77 -3.11
CA ARG A 137 -3.20 8.77 -2.11
C ARG A 137 -3.39 7.38 -2.66
N MET A 138 -2.57 6.45 -2.17
CA MET A 138 -2.65 5.06 -2.61
C MET A 138 -3.34 4.35 -1.46
N GLN A 139 -4.15 3.35 -1.78
CA GLN A 139 -5.00 2.69 -0.77
C GLN A 139 -4.96 1.23 -1.05
N LEU A 140 -4.75 0.44 0.01
CA LEU A 140 -4.77 -1.02 -0.05
C LEU A 140 -5.97 -1.49 0.78
N TRP A 141 -6.69 -2.53 0.34
CA TRP A 141 -7.67 -3.22 1.20
C TRP A 141 -7.15 -4.64 1.45
N LEU A 142 -7.11 -5.07 2.73
CA LEU A 142 -6.74 -6.47 3.09
C LEU A 142 -7.94 -7.09 3.75
N ASP A 143 -8.25 -8.36 3.45
CA ASP A 143 -9.32 -9.07 4.17
C ASP A 143 -9.04 -8.99 5.64
N ALA A 144 -10.11 -8.90 6.43
CA ALA A 144 -9.97 -8.84 7.91
C ALA A 144 -10.90 -9.79 8.59
N PRO A 146 -12.97 -9.58 11.53
CA PRO A 146 -13.43 -8.43 12.34
C PRO A 146 -13.37 -8.68 13.86
N GLN A 147 -13.38 -9.94 14.31
CA GLN A 147 -13.33 -10.20 15.76
C GLN A 147 -11.92 -10.09 16.31
N ARG A 148 -10.93 -10.11 15.44
CA ARG A 148 -9.55 -9.88 15.87
C ARG A 148 -9.36 -8.46 16.38
N GLU A 149 -8.72 -8.34 17.56
CA GLU A 149 -8.43 -7.03 18.16
C GLU A 149 -7.41 -6.28 17.32
N ASN A 150 -7.62 -4.98 17.15
CA ASN A 150 -6.63 -4.12 16.51
C ASN A 150 -7.02 -2.66 16.78
N PRO A 151 -6.04 -1.76 16.92
CA PRO A 151 -6.44 -0.36 17.18
C PRO A 151 -7.28 0.15 15.99
N LEU A 152 -8.28 0.99 16.26
CA LEU A 152 -9.12 1.55 15.19
C LEU A 152 -8.30 2.33 14.17
N ILE A 153 -7.37 3.15 14.66
CA ILE A 153 -6.61 4.07 13.80
C ILE A 153 -5.15 4.06 14.24
N GLN A 154 -4.25 3.87 13.28
CA GLN A 154 -2.82 4.03 13.51
C GLN A 154 -2.25 4.84 12.37
N LYS A 155 -1.21 5.61 12.65
CA LYS A 155 -0.48 6.30 11.60
C LYS A 155 1.01 6.05 11.74
N LEU A 156 1.75 6.16 10.64
CA LEU A 156 3.20 5.99 10.61
C LEU A 156 3.82 7.03 9.68
N ALA A 157 4.89 7.66 10.13
CA ALA A 157 5.60 8.59 9.29
C ALA A 157 6.64 7.85 8.44
N LEU A 158 6.50 7.94 7.12
CA LEU A 158 7.44 7.24 6.22
C LEU A 158 8.81 7.85 6.30
N ASN A 159 9.80 7.01 6.60
CA ASN A 159 11.17 7.54 6.73
C ASN A 159 11.86 7.77 5.38
N MET A 160 11.34 7.14 4.31
CA MET A 160 11.85 7.41 2.93
C MET A 160 13.28 6.86 2.69
N GLY A 161 13.70 5.91 3.52
CA GLY A 161 15.02 5.29 3.32
C GLY A 161 14.91 4.21 2.23
N LYS A 162 16.00 3.49 1.98
CA LYS A 162 15.98 2.44 0.94
C LYS A 162 14.82 1.49 1.12
N GLN A 163 14.63 0.97 2.34
CA GLN A 163 13.44 0.14 2.60
C GLN A 163 12.99 0.32 4.02
N GLN A 164 11.68 0.34 4.24
CA GLN A 164 11.12 0.43 5.60
C GLN A 164 10.00 -0.58 5.72
N LEU A 165 9.96 -1.29 6.84
CA LEU A 165 8.80 -2.14 7.14
C LEU A 165 7.75 -1.19 7.72
N ILE A 166 6.63 -1.01 7.01
CA ILE A 166 5.67 -0.01 7.45
C ILE A 166 4.42 -0.66 8.06
N ALA A 167 4.28 -1.98 7.89
CA ALA A 167 3.18 -2.67 8.59
C ALA A 167 3.54 -4.14 8.77
N SER A 168 3.13 -4.73 9.90
CA SER A 168 3.42 -6.11 10.18
C SER A 168 2.43 -6.64 11.22
N PRO A 169 2.42 -7.97 11.43
CA PRO A 169 1.48 -8.60 12.35
C PRO A 169 1.62 -8.10 13.79
N GLU A 170 2.85 -7.75 14.20
CA GLU A 170 3.08 -7.36 15.58
C GLU A 170 3.59 -5.93 15.73
N GLY A 171 3.67 -5.19 14.62
CA GLY A 171 4.19 -3.82 14.64
C GLY A 171 5.69 -3.78 14.91
N ALA A 172 6.40 -4.83 14.47
CA ALA A 172 7.84 -4.92 14.66
C ALA A 172 8.56 -3.71 14.09
N MET A 173 9.65 -3.30 14.74
CA MET A 173 10.48 -2.23 14.20
C MET A 173 9.70 -0.93 14.02
N GLY A 174 8.72 -0.70 14.89
CA GLY A 174 7.93 0.53 14.89
C GLY A 174 7.02 0.65 13.67
N SER A 175 6.44 -0.48 13.24
CA SER A 175 5.58 -0.51 12.05
C SER A 175 4.10 -0.50 12.51
N LEU A 176 3.19 -0.12 11.60
CA LEU A 176 1.73 -0.26 11.83
C LEU A 176 1.44 -1.71 12.19
N GLN A 177 0.55 -1.92 13.14
CA GLN A 177 0.22 -3.30 13.55
C GLN A 177 -0.99 -3.75 12.74
N LEU A 178 -0.83 -4.85 12.00
CA LEU A 178 -1.95 -5.43 11.24
C LEU A 178 -2.58 -6.61 11.95
N ARG A 179 -3.87 -6.84 11.73
CA ARG A 179 -4.49 -8.07 12.21
C ARG A 179 -4.56 -9.15 11.11
N GLN A 180 -3.77 -8.94 10.05
CA GLN A 180 -3.46 -9.95 9.03
C GLN A 180 -2.00 -10.36 9.17
N GLN A 181 -1.67 -11.56 8.68
CA GLN A 181 -0.26 -12.04 8.66
C GLN A 181 0.46 -11.52 7.42
N VAL A 182 0.61 -10.20 7.36
CA VAL A 182 1.09 -9.54 6.17
C VAL A 182 2.24 -8.61 6.57
N TRP A 183 3.29 -8.55 5.75
CA TRP A 183 4.38 -7.59 6.04
C TRP A 183 4.46 -6.68 4.85
N LEU A 184 4.44 -5.37 5.11
CA LEU A 184 4.38 -4.39 4.01
C LEU A 184 5.60 -3.51 4.09
N HIS A 185 6.28 -3.38 2.95
CA HIS A 185 7.53 -2.63 2.89
C HIS A 185 7.36 -1.51 1.87
N HIS A 186 7.91 -0.35 2.23
CA HIS A 186 7.97 0.83 1.36
C HIS A 186 9.40 1.01 0.94
N ILE A 187 9.62 1.16 -0.38
CA ILE A 187 10.96 1.17 -0.99
C ILE A 187 11.23 2.48 -1.70
N VAL A 188 12.37 3.10 -1.44
CA VAL A 188 12.72 4.35 -2.13
C VAL A 188 14.16 4.17 -2.57
N LEU A 189 14.39 4.08 -3.87
CA LEU A 189 15.75 3.79 -4.40
C LEU A 189 16.08 4.74 -5.54
N ASP A 190 17.36 5.08 -5.68
CA ASP A 190 17.90 5.76 -6.85
C ASP A 190 18.12 4.71 -7.94
N LYS A 191 18.17 5.16 -9.18
CA LYS A 191 18.41 4.27 -10.32
C LYS A 191 19.64 3.42 -10.06
N GLY A 192 19.51 2.12 -10.28
CA GLY A 192 20.62 1.20 -10.14
C GLY A 192 20.84 0.69 -8.73
N GLU A 193 20.12 1.23 -7.74
CA GLU A 193 20.21 0.78 -6.34
C GLU A 193 19.36 -0.48 -6.17
N SER A 194 19.65 -1.27 -5.13
CA SER A 194 18.87 -2.49 -4.89
C SER A 194 18.55 -2.69 -3.42
N ALA A 195 17.54 -3.50 -3.14
CA ALA A 195 17.09 -3.81 -1.78
C ALA A 195 16.65 -5.27 -1.75
N ASN A 196 17.06 -5.98 -0.71
CA ASN A 196 16.75 -7.42 -0.58
C ASN A 196 15.69 -7.63 0.51
N PHE A 197 14.82 -8.62 0.29
CA PHE A 197 13.69 -8.93 1.19
C PHE A 197 13.61 -10.45 1.41
N GLN A 198 13.42 -10.84 2.67
CA GLN A 198 13.19 -12.22 3.05
C GLN A 198 11.69 -12.32 3.27
N LEU A 199 11.03 -13.27 2.61
CA LEU A 199 9.59 -13.35 2.66
C LEU A 199 9.15 -14.39 3.70
N HIS A 200 8.14 -14.00 4.47
CA HIS A 200 7.47 -14.86 5.42
C HIS A 200 6.45 -15.79 4.74
N GLY A 201 5.57 -15.23 3.91
CA GLY A 201 4.53 -16.00 3.23
C GLY A 201 4.93 -16.47 1.85
N PRO A 202 4.05 -17.26 1.19
CA PRO A 202 4.30 -17.91 -0.08
C PRO A 202 3.93 -17.00 -1.28
N ARG A 203 3.54 -15.78 -1.00
CA ARG A 203 3.06 -14.89 -2.09
C ARG A 203 3.59 -13.49 -1.82
N ALA A 204 4.03 -12.80 -2.87
CA ALA A 204 4.40 -11.38 -2.72
C ALA A 204 3.71 -10.60 -3.79
N TYR A 205 3.43 -9.35 -3.50
CA TYR A 205 2.93 -8.46 -4.53
C TYR A 205 3.90 -7.27 -4.57
N LEU A 206 4.31 -6.90 -5.78
CA LEU A 206 5.15 -5.71 -6.00
C LEU A 206 4.32 -4.62 -6.67
N GLN A 207 4.49 -3.35 -6.26
CA GLN A 207 3.76 -2.24 -6.85
C GLN A 207 4.69 -1.09 -7.13
N SER A 208 4.68 -0.59 -8.36
CA SER A 208 5.36 0.64 -8.66
C SER A 208 4.46 1.81 -8.21
N ILE A 209 4.97 2.65 -7.29
CA ILE A 209 4.28 3.90 -6.97
C ILE A 209 4.72 4.95 -8.00
N HIS A 210 6.04 5.06 -8.14
CA HIS A 210 6.59 5.76 -9.29
CA HIS A 210 6.72 5.98 -9.08
C HIS A 210 7.95 5.23 -9.65
N GLY A 211 8.16 5.20 -10.97
CA GLY A 211 9.36 4.61 -11.56
C GLY A 211 9.27 3.13 -11.91
N LYS A 212 10.32 2.64 -12.54
CA LYS A 212 10.33 1.28 -13.06
C LYS A 212 11.42 0.49 -12.35
N PHE A 213 11.26 -0.83 -12.27
CA PHE A 213 12.18 -1.66 -11.51
C PHE A 213 12.01 -3.09 -11.91
N HIS A 214 12.95 -3.94 -11.51
CA HIS A 214 12.77 -5.35 -11.73
C HIS A 214 13.08 -6.15 -10.49
N ALA A 215 12.57 -7.38 -10.46
CA ALA A 215 12.80 -8.24 -9.32
C ALA A 215 13.65 -9.42 -9.77
N LEU A 216 14.61 -9.80 -8.92
CA LEU A 216 15.41 -11.00 -9.07
C LEU A 216 15.14 -11.98 -7.93
N THR A 217 15.19 -13.26 -8.26
CA THR A 217 15.19 -14.35 -7.28
C THR A 217 16.30 -15.29 -7.73
N HIS A 218 17.07 -15.80 -6.77
CA HIS A 218 18.21 -16.68 -7.06
C HIS A 218 19.15 -16.05 -8.08
N HIS A 219 19.29 -14.72 -8.04
CA HIS A 219 20.23 -14.00 -8.92
C HIS A 219 19.80 -14.04 -10.39
N GLU A 220 18.50 -14.24 -10.61
CA GLU A 220 17.90 -14.29 -11.95
C GLU A 220 16.65 -13.45 -12.02
N GLU A 221 16.47 -12.78 -13.15
CA GLU A 221 15.31 -11.91 -13.31
C GLU A 221 14.02 -12.69 -13.26
N LYS A 222 13.07 -12.14 -12.50
CA LYS A 222 11.76 -12.75 -12.28
C LYS A 222 10.63 -11.92 -12.88
N ALA A 223 10.73 -10.60 -12.79
CA ALA A 223 9.73 -9.71 -13.33
C ALA A 223 10.29 -8.33 -13.53
N ALA A 224 9.82 -7.63 -14.57
CA ALA A 224 10.19 -6.23 -14.79
C ALA A 224 8.88 -5.41 -14.81
N LEU A 225 8.88 -4.30 -14.10
CA LEU A 225 7.68 -3.49 -13.88
C LEU A 225 7.92 -2.09 -14.39
N THR A 226 7.01 -1.60 -15.23
CA THR A 226 7.08 -0.22 -15.68
C THR A 226 6.28 0.63 -14.71
N CYS A 227 6.24 1.95 -14.93
CA CYS A 227 5.62 2.87 -13.98
C CYS A 227 4.16 2.47 -13.73
N GLY A 228 3.77 2.35 -12.47
CA GLY A 228 2.40 1.99 -12.13
C GLY A 228 2.03 0.50 -12.27
N ASP A 229 2.95 -0.37 -12.68
CA ASP A 229 2.63 -1.83 -12.78
C ASP A 229 2.57 -2.45 -11.41
N GLY A 230 1.74 -3.48 -11.28
CA GLY A 230 1.87 -4.46 -10.17
C GLY A 230 2.33 -5.80 -10.67
N ALA A 231 2.77 -6.69 -9.76
CA ALA A 231 3.10 -8.08 -10.15
C ALA A 231 3.01 -8.92 -8.91
N PHE A 232 2.26 -10.02 -9.00
CA PHE A 232 2.29 -11.05 -7.96
C PHE A 232 3.43 -11.97 -8.27
N ILE A 233 4.10 -12.42 -7.22
CA ILE A 233 5.20 -13.35 -7.30
C ILE A 233 4.99 -14.52 -6.29
N ARG A 234 5.17 -15.77 -6.73
CA ARG A 234 4.87 -16.95 -5.88
C ARG A 234 6.09 -17.75 -5.46
N ASP A 235 6.01 -18.27 -4.24
CA ASP A 235 6.96 -19.24 -3.71
C ASP A 235 8.43 -18.82 -3.81
N GLU A 236 8.73 -17.56 -3.58
CA GLU A 236 10.13 -17.15 -3.50
C GLU A 236 10.39 -16.65 -2.11
N ALA A 237 11.31 -17.31 -1.41
CA ALA A 237 11.60 -16.90 -0.05
C ALA A 237 12.47 -15.63 0.03
N ASN A 238 13.12 -15.28 -1.07
CA ASN A 238 13.99 -14.09 -1.09
C ASN A 238 13.81 -13.39 -2.40
N ILE A 239 13.67 -12.06 -2.34
CA ILE A 239 13.46 -11.26 -3.55
C ILE A 239 14.34 -10.01 -3.46
N THR A 240 15.03 -9.71 -4.56
CA THR A 240 15.85 -8.52 -4.65
C THR A 240 15.20 -7.63 -5.68
N LEU A 241 15.05 -6.36 -5.33
CA LEU A 241 14.47 -5.36 -6.20
C LEU A 241 15.54 -4.41 -6.66
N VAL A 242 15.51 -4.08 -7.94
CA VAL A 242 16.57 -3.22 -8.50
C VAL A 242 15.91 -2.08 -9.27
N ALA A 243 16.27 -0.84 -8.95
CA ALA A 243 15.64 0.30 -9.60
C ALA A 243 16.20 0.56 -10.99
N ASP A 244 15.29 0.77 -11.94
CA ASP A 244 15.66 1.12 -13.30
C ASP A 244 15.45 2.57 -13.60
N SER A 245 14.92 3.30 -12.61
CA SER A 245 14.88 4.76 -12.60
C SER A 245 14.68 5.14 -11.13
N PRO A 246 14.64 6.44 -10.80
CA PRO A 246 14.28 6.77 -9.40
C PRO A 246 12.94 6.12 -9.05
N LEU A 247 12.84 5.48 -7.88
CA LEU A 247 11.76 4.55 -7.64
C LEU A 247 11.09 4.77 -6.28
N ARG A 248 9.76 4.67 -6.24
CA ARG A 248 9.07 4.41 -4.97
C ARG A 248 8.21 3.20 -5.28
N ALA A 249 8.23 2.21 -4.37
CA ALA A 249 7.50 0.99 -4.59
C ALA A 249 7.01 0.40 -3.28
N LEU A 250 6.16 -0.61 -3.39
CA LEU A 250 5.75 -1.39 -2.22
C LEU A 250 6.08 -2.84 -2.51
N LEU A 251 6.44 -3.58 -1.46
CA LEU A 251 6.49 -5.03 -1.58
C LEU A 251 5.62 -5.52 -0.45
N ILE A 252 4.62 -6.33 -0.81
CA ILE A 252 3.69 -6.86 0.19
C ILE A 252 3.92 -8.35 0.32
N ASP A 253 4.16 -8.82 1.54
CA ASP A 253 4.48 -10.22 1.82
C ASP A 253 3.17 -10.81 2.35
N LEU A 254 2.58 -11.74 1.58
CA LEU A 254 1.23 -12.20 1.78
C LEU A 254 1.19 -13.66 2.20
N PRO A 255 0.25 -14.01 3.10
CA PRO A 255 0.25 -15.29 3.81
C PRO A 255 -0.29 -16.51 3.07
N VAL A 256 -0.93 -16.29 1.92
CA VAL A 256 -1.59 -17.43 1.20
C VAL A 256 -1.68 -17.13 -0.29
#